data_7N8W
#
_entry.id   7N8W
#
_cell.length_a   60.832
_cell.length_b   56.338
_cell.length_c   75.852
_cell.angle_alpha   90.000
_cell.angle_beta   104.572
_cell.angle_gamma   90.000
#
_symmetry.space_group_name_H-M   'P 1 21 1'
#
loop_
_entity.id
_entity.type
_entity.pdbx_description
1 polymer 'ERI1 exoribonuclease 2'
2 non-polymer 'ADENOSINE MONOPHOSPHATE'
3 non-polymer 'SULFATE ION'
4 non-polymer 'MANGANESE (II) ION'
5 non-polymer 1,2-ETHANEDIOL
6 water water
#
_entity_poly.entity_id   1
_entity_poly.type   'polypeptide(L)'
_entity_poly.pdbx_seq_one_letter_code
;MGSSHHHHHHSSGLVPRGSHMMATKRLARQLGLIRRKSIAPANGNLGRSKSKQLFDYLIVIDFESTCWNDGKHHHSQEII
EFPAVLLNTSTGQIDSEFQAYVQPQEHPILSEFCMELTGIKQAQVDEGVPLKICLSQFCKWIHKIQQQKNIIFATGISEP
SASEVKLCAFVTWSDWDLGVCLEYECKRKQLLKPVFLNSWIDLRATYKLFYRRKPKGLSGALQEVGIEFSGREASGLDAS
RNTALLAWKMIRDGCVMKITRSLN
;
_entity_poly.pdbx_strand_id   A,B
#
loop_
_chem_comp.id
_chem_comp.type
_chem_comp.name
_chem_comp.formula
AMP non-polymer 'ADENOSINE MONOPHOSPHATE' 'C10 H14 N5 O7 P'
EDO non-polymer 1,2-ETHANEDIOL 'C2 H6 O2'
MN non-polymer 'MANGANESE (II) ION' 'Mn 2'
SO4 non-polymer 'SULFATE ION' 'O4 S -2'
#
# COMPACT_ATOMS: atom_id res chain seq x y z
N SER A 51 -19.32 14.61 27.20
CA SER A 51 -20.15 14.14 26.11
C SER A 51 -20.41 12.63 26.23
N LYS A 52 -21.51 12.17 25.66
CA LYS A 52 -21.89 10.77 25.73
C LYS A 52 -21.30 10.04 24.52
N GLN A 53 -20.70 8.88 24.78
CA GLN A 53 -20.06 8.09 23.74
C GLN A 53 -21.05 7.16 23.05
N LEU A 54 -20.80 6.89 21.78
CA LEU A 54 -21.64 5.96 21.02
C LEU A 54 -21.24 4.51 21.27
N PHE A 55 -19.95 4.22 21.27
CA PHE A 55 -19.45 2.86 21.46
C PHE A 55 -18.99 2.68 22.90
N ASP A 56 -19.41 1.58 23.52
CA ASP A 56 -19.02 1.28 24.89
C ASP A 56 -17.66 0.60 24.99
N TYR A 57 -17.16 0.06 23.87
CA TYR A 57 -15.86 -0.57 23.82
C TYR A 57 -15.21 -0.26 22.48
N LEU A 58 -13.88 -0.24 22.47
CA LEU A 58 -13.11 -0.09 21.26
C LEU A 58 -12.02 -1.15 21.23
N ILE A 59 -11.83 -1.76 20.07
CA ILE A 59 -10.77 -2.73 19.85
C ILE A 59 -9.73 -2.09 18.95
N VAL A 60 -8.53 -1.90 19.49
CA VAL A 60 -7.47 -1.18 18.80
C VAL A 60 -6.50 -2.19 18.21
N ILE A 61 -6.13 -1.99 16.96
CA ILE A 61 -5.29 -2.92 16.20
C ILE A 61 -4.10 -2.17 15.63
N ASP A 62 -2.91 -2.77 15.75
CA ASP A 62 -1.69 -2.20 15.15
C ASP A 62 -0.91 -3.36 14.55
N PHE A 63 -1.17 -3.67 13.28
CA PHE A 63 -0.50 -4.78 12.63
C PHE A 63 0.99 -4.49 12.45
N GLU A 64 1.79 -5.55 12.51
CA GLU A 64 3.19 -5.51 12.11
C GLU A 64 3.40 -6.46 10.94
N SER A 65 4.23 -6.05 9.99
CA SER A 65 4.40 -6.81 8.76
C SER A 65 5.86 -6.81 8.33
N THR A 66 6.19 -7.74 7.45
CA THR A 66 7.52 -7.76 6.85
C THR A 66 7.74 -6.50 6.04
N CYS A 67 8.98 -6.01 6.05
CA CYS A 67 9.29 -4.77 5.36
C CYS A 67 10.77 -4.72 5.01
N TRP A 68 11.08 -3.91 4.01
CA TRP A 68 12.43 -3.67 3.54
C TRP A 68 12.57 -2.20 3.22
N ASN A 69 13.81 -1.71 3.20
CA ASN A 69 14.10 -0.32 2.83
C ASN A 69 15.35 -0.34 1.96
N ASP A 70 15.14 -0.51 0.64
CA ASP A 70 16.26 -0.71 -0.27
C ASP A 70 15.98 -0.16 -1.68
N GLY A 71 15.00 0.73 -1.84
CA GLY A 71 14.75 1.38 -3.11
C GLY A 71 13.70 0.72 -3.98
N LYS A 72 13.96 0.62 -5.28
CA LYS A 72 12.99 0.10 -6.24
C LYS A 72 12.84 -1.41 -6.18
N HIS A 73 13.25 -2.04 -5.08
CA HIS A 73 13.11 -3.48 -4.90
C HIS A 73 11.88 -3.65 -4.01
N HIS A 74 10.73 -3.86 -4.64
CA HIS A 74 9.48 -4.04 -3.91
C HIS A 74 9.15 -5.52 -3.84
N HIS A 75 8.94 -6.01 -2.63
CA HIS A 75 8.46 -7.36 -2.39
C HIS A 75 7.07 -7.31 -1.80
N SER A 76 6.46 -8.49 -1.66
CA SER A 76 5.16 -8.60 -1.02
C SER A 76 5.36 -8.61 0.49
N GLN A 77 4.41 -8.03 1.20
CA GLN A 77 4.51 -7.94 2.65
C GLN A 77 3.47 -8.84 3.30
N GLU A 78 3.84 -9.45 4.42
CA GLU A 78 2.98 -10.34 5.17
C GLU A 78 2.92 -9.88 6.63
N ILE A 79 1.73 -9.92 7.21
CA ILE A 79 1.59 -9.61 8.62
C ILE A 79 2.43 -10.58 9.44
N ILE A 80 3.15 -10.05 10.43
CA ILE A 80 3.89 -10.88 11.36
C ILE A 80 3.43 -10.75 12.80
N GLU A 81 2.66 -9.72 13.16
CA GLU A 81 2.06 -9.63 14.48
C GLU A 81 0.64 -9.11 14.36
N PHE A 82 -0.29 -9.76 15.09
CA PHE A 82 -1.70 -9.41 15.09
C PHE A 82 -2.09 -9.08 16.52
N PRO A 83 -1.92 -7.84 16.96
CA PRO A 83 -2.30 -7.48 18.32
C PRO A 83 -3.62 -6.73 18.38
N ALA A 84 -4.32 -6.82 19.51
CA ALA A 84 -5.57 -6.10 19.70
C ALA A 84 -5.81 -5.91 21.18
N VAL A 85 -6.28 -4.72 21.56
CA VAL A 85 -6.60 -4.39 22.94
C VAL A 85 -8.05 -3.92 23.00
N LEU A 86 -8.79 -4.43 23.98
CA LEU A 86 -10.18 -4.04 24.19
C LEU A 86 -10.21 -2.90 25.21
N LEU A 87 -10.58 -1.71 24.74
CA LEU A 87 -10.62 -0.53 25.59
C LEU A 87 -12.05 -0.30 26.08
N ASN A 88 -12.19 -0.05 27.38
CA ASN A 88 -13.47 0.29 27.98
C ASN A 88 -13.61 1.82 27.96
N THR A 89 -14.53 2.31 27.13
CA THR A 89 -14.64 3.74 26.87
C THR A 89 -15.35 4.50 27.99
N SER A 90 -15.72 3.84 29.09
CA SER A 90 -16.27 4.53 30.26
C SER A 90 -15.36 4.51 31.46
N THR A 91 -14.50 3.50 31.58
CA THR A 91 -13.52 3.43 32.66
C THR A 91 -12.10 3.72 32.20
N GLY A 92 -11.84 3.72 30.90
CA GLY A 92 -10.51 3.96 30.38
C GLY A 92 -9.54 2.80 30.50
N GLN A 93 -9.98 1.66 31.04
CA GLN A 93 -9.11 0.53 31.28
C GLN A 93 -9.16 -0.45 30.11
N ILE A 94 -8.11 -1.26 30.01
CA ILE A 94 -8.06 -2.34 29.02
C ILE A 94 -8.59 -3.60 29.69
N ASP A 95 -9.72 -4.11 29.20
CA ASP A 95 -10.37 -5.26 29.81
C ASP A 95 -9.92 -6.59 29.21
N SER A 96 -9.30 -6.57 28.03
CA SER A 96 -8.80 -7.78 27.40
C SER A 96 -7.81 -7.41 26.31
N GLU A 97 -6.97 -8.37 25.94
CA GLU A 97 -5.94 -8.17 24.94
C GLU A 97 -5.78 -9.43 24.11
N PHE A 98 -5.34 -9.24 22.87
CA PHE A 98 -5.05 -10.34 21.97
C PHE A 98 -3.73 -10.06 21.27
N GLN A 99 -2.91 -11.09 21.15
CA GLN A 99 -1.66 -10.97 20.41
C GLN A 99 -1.28 -12.32 19.84
N ALA A 100 -0.88 -12.32 18.58
CA ALA A 100 -0.39 -13.53 17.92
C ALA A 100 0.72 -13.13 16.95
N TYR A 101 1.76 -13.96 16.89
CA TYR A 101 2.82 -13.77 15.92
C TYR A 101 2.53 -14.61 14.68
N VAL A 102 2.52 -13.96 13.52
CA VAL A 102 2.18 -14.61 12.26
C VAL A 102 3.45 -15.02 11.54
N GLN A 103 3.50 -16.30 11.13
CA GLN A 103 4.63 -16.85 10.39
C GLN A 103 4.47 -16.54 8.91
N PRO A 104 5.31 -15.66 8.35
CA PRO A 104 5.18 -15.32 6.94
C PRO A 104 5.55 -16.50 6.06
N GLN A 105 4.78 -16.67 4.98
CA GLN A 105 4.95 -17.79 4.06
C GLN A 105 5.76 -17.42 2.83
N GLU A 106 5.50 -16.26 2.23
CA GLU A 106 6.20 -15.87 1.01
C GLU A 106 7.63 -15.42 1.28
N HIS A 107 7.87 -14.77 2.42
CA HIS A 107 9.23 -14.38 2.83
C HIS A 107 9.38 -14.70 4.29
N PRO A 108 9.78 -15.93 4.62
CA PRO A 108 9.79 -16.36 6.03
C PRO A 108 10.92 -15.75 6.85
N ILE A 109 12.00 -15.29 6.22
CA ILE A 109 13.16 -14.77 6.94
C ILE A 109 13.02 -13.25 7.07
N LEU A 110 12.89 -12.78 8.32
CA LEU A 110 12.81 -11.34 8.57
C LEU A 110 14.11 -10.66 8.21
N SER A 111 14.01 -9.56 7.46
CA SER A 111 15.18 -8.76 7.15
C SER A 111 15.71 -8.09 8.40
N GLU A 112 16.98 -7.67 8.33
CA GLU A 112 17.59 -6.94 9.44
C GLU A 112 16.86 -5.63 9.69
N PHE A 113 16.45 -4.94 8.63
CA PHE A 113 15.69 -3.71 8.78
C PHE A 113 14.37 -3.95 9.51
N CYS A 114 13.71 -5.08 9.22
CA CYS A 114 12.42 -5.36 9.83
C CYS A 114 12.56 -5.67 11.32
N MET A 115 13.54 -6.52 11.67
CA MET A 115 13.76 -6.83 13.08
C MET A 115 14.23 -5.60 13.86
N GLU A 116 14.91 -4.67 13.17
CA GLU A 116 15.33 -3.43 13.83
C GLU A 116 14.14 -2.51 14.06
N LEU A 117 13.24 -2.41 13.07
CA LEU A 117 12.13 -1.46 13.17
C LEU A 117 11.05 -1.96 14.12
N THR A 118 10.69 -3.24 14.02
CA THR A 118 9.61 -3.79 14.81
C THR A 118 10.06 -4.34 16.16
N GLY A 119 11.34 -4.63 16.33
CA GLY A 119 11.79 -5.30 17.54
C GLY A 119 11.38 -6.75 17.63
N ILE A 120 10.82 -7.32 16.56
CA ILE A 120 10.40 -8.71 16.55
C ILE A 120 11.59 -9.57 16.12
N LYS A 121 11.84 -10.64 16.86
CA LYS A 121 12.96 -11.52 16.58
C LYS A 121 12.51 -12.72 15.75
N GLN A 122 13.48 -13.31 15.04
CA GLN A 122 13.17 -14.41 14.12
C GLN A 122 12.56 -15.60 14.83
N ALA A 123 13.01 -15.88 16.06
CA ALA A 123 12.48 -17.01 16.81
C ALA A 123 10.99 -16.87 17.12
N GLN A 124 10.45 -15.65 17.05
CA GLN A 124 9.05 -15.43 17.36
C GLN A 124 8.14 -15.73 16.17
N VAL A 125 8.55 -15.32 14.96
CA VAL A 125 7.73 -15.62 13.79
C VAL A 125 7.88 -17.08 13.37
N ASP A 126 9.02 -17.71 13.66
CA ASP A 126 9.13 -19.15 13.44
C ASP A 126 8.30 -19.93 14.44
N GLU A 127 8.05 -19.37 15.62
CA GLU A 127 7.20 -19.97 16.63
C GLU A 127 5.73 -19.64 16.43
N GLY A 128 5.40 -18.80 15.45
CA GLY A 128 4.05 -18.34 15.24
C GLY A 128 3.30 -19.17 14.20
N VAL A 129 2.05 -18.78 13.99
CA VAL A 129 1.14 -19.50 13.10
C VAL A 129 0.96 -18.73 11.79
N PRO A 130 0.57 -19.39 10.70
CA PRO A 130 0.24 -18.65 9.47
C PRO A 130 -0.99 -17.77 9.65
N LEU A 131 -1.20 -16.88 8.67
CA LEU A 131 -2.24 -15.86 8.79
C LEU A 131 -3.63 -16.49 8.88
N LYS A 132 -3.89 -17.54 8.10
CA LYS A 132 -5.21 -18.16 8.11
C LYS A 132 -5.57 -18.67 9.50
N ILE A 133 -4.63 -19.36 10.15
CA ILE A 133 -4.86 -19.81 11.52
C ILE A 133 -4.96 -18.62 12.48
N CYS A 134 -4.32 -17.50 12.14
CA CYS A 134 -4.35 -16.35 13.04
C CYS A 134 -5.70 -15.66 13.00
N LEU A 135 -6.29 -15.51 11.81
CA LEU A 135 -7.65 -14.97 11.72
C LEU A 135 -8.63 -15.86 12.45
N SER A 136 -8.41 -17.17 12.44
CA SER A 136 -9.25 -18.09 13.19
C SER A 136 -9.17 -17.81 14.68
N GLN A 137 -7.95 -17.65 15.21
CA GLN A 137 -7.78 -17.36 16.63
C GLN A 137 -8.35 -15.99 17.00
N PHE A 138 -8.28 -15.02 16.09
CA PHE A 138 -8.80 -13.69 16.39
C PHE A 138 -10.32 -13.70 16.49
N CYS A 139 -10.99 -14.52 15.67
CA CYS A 139 -12.45 -14.62 15.74
C CYS A 139 -12.88 -15.32 17.03
N LYS A 140 -12.12 -16.32 17.46
CA LYS A 140 -12.39 -16.98 18.74
C LYS A 140 -12.27 -15.98 19.89
N TRP A 141 -11.31 -15.06 19.81
CA TRP A 141 -11.17 -14.03 20.83
C TRP A 141 -12.34 -13.04 20.78
N ILE A 142 -12.71 -12.60 19.58
CA ILE A 142 -13.87 -11.72 19.43
C ILE A 142 -15.11 -12.38 19.99
N HIS A 143 -15.28 -13.68 19.71
CA HIS A 143 -16.45 -14.38 20.22
C HIS A 143 -16.41 -14.55 21.74
N LYS A 144 -15.21 -14.66 22.32
CA LYS A 144 -15.12 -14.81 23.77
C LYS A 144 -15.52 -13.51 24.47
N ILE A 145 -15.02 -12.37 23.98
CA ILE A 145 -15.35 -11.09 24.60
C ILE A 145 -16.77 -10.65 24.33
N GLN A 146 -17.46 -11.30 23.38
CA GLN A 146 -18.88 -11.03 23.21
C GLN A 146 -19.71 -11.78 24.25
N GLN A 147 -19.36 -13.04 24.54
CA GLN A 147 -20.01 -13.78 25.62
C GLN A 147 -19.72 -13.14 26.97
N GLN A 148 -18.57 -12.47 27.10
CA GLN A 148 -18.16 -11.92 28.37
C GLN A 148 -18.76 -10.54 28.61
N LYS A 149 -18.66 -9.65 27.62
CA LYS A 149 -19.02 -8.25 27.77
C LYS A 149 -20.39 -7.92 27.20
N ASN A 150 -21.07 -8.88 26.58
CA ASN A 150 -22.37 -8.66 25.93
C ASN A 150 -22.21 -7.63 24.81
N ILE A 151 -21.22 -7.86 23.95
CA ILE A 151 -20.81 -6.92 22.92
C ILE A 151 -21.36 -7.35 21.58
N ILE A 152 -21.85 -6.38 20.80
CA ILE A 152 -22.21 -6.58 19.41
C ILE A 152 -21.51 -5.48 18.63
N PHE A 153 -21.33 -5.71 17.34
CA PHE A 153 -20.74 -4.72 16.46
C PHE A 153 -21.86 -4.16 15.59
N ALA A 154 -22.27 -2.94 15.90
CA ALA A 154 -23.41 -2.30 15.23
C ALA A 154 -23.28 -0.80 15.40
N THR A 155 -23.72 -0.06 14.38
CA THR A 155 -23.52 1.38 14.40
C THR A 155 -24.53 2.07 15.32
N GLY A 156 -25.71 1.49 15.50
CA GLY A 156 -26.68 2.07 16.41
C GLY A 156 -27.75 1.08 16.81
N ILE A 157 -28.31 1.28 18.00
CA ILE A 157 -29.45 0.52 18.48
C ILE A 157 -30.70 1.27 18.04
N SER A 158 -31.70 0.55 17.51
CA SER A 158 -32.91 1.20 17.05
C SER A 158 -34.04 1.13 18.07
N GLU A 159 -33.98 0.21 19.01
CA GLU A 159 -34.95 0.14 20.07
C GLU A 159 -34.56 1.12 21.18
N PRO A 160 -35.53 1.73 21.85
CA PRO A 160 -35.19 2.54 23.03
C PRO A 160 -34.40 1.71 24.02
N SER A 161 -33.69 2.40 24.92
CA SER A 161 -32.74 1.72 25.79
C SER A 161 -33.43 0.77 26.77
N ALA A 162 -33.79 -0.41 26.26
CA ALA A 162 -34.20 -1.53 27.09
C ALA A 162 -33.15 -2.62 27.13
N SER A 163 -31.94 -2.36 26.60
CA SER A 163 -30.90 -3.36 26.46
C SER A 163 -29.62 -2.89 27.14
N GLU A 164 -29.03 -3.78 27.93
CA GLU A 164 -27.70 -3.58 28.52
C GLU A 164 -26.57 -3.90 27.54
N VAL A 165 -26.91 -4.11 26.26
CA VAL A 165 -25.91 -4.51 25.28
C VAL A 165 -24.92 -3.38 25.04
N LYS A 166 -23.74 -3.76 24.57
CA LYS A 166 -22.62 -2.84 24.43
C LYS A 166 -22.15 -2.83 22.98
N LEU A 167 -22.04 -1.64 22.40
CA LEU A 167 -21.56 -1.49 21.03
C LEU A 167 -20.04 -1.39 21.02
N CYS A 168 -19.45 -1.81 19.90
CA CYS A 168 -18.00 -1.84 19.76
C CYS A 168 -17.62 -1.44 18.34
N ALA A 169 -16.41 -0.90 18.22
CA ALA A 169 -15.86 -0.52 16.93
C ALA A 169 -14.35 -0.72 16.97
N PHE A 170 -13.77 -0.90 15.79
CA PHE A 170 -12.33 -1.07 15.67
C PHE A 170 -11.66 0.27 15.42
N VAL A 171 -10.55 0.50 16.10
CA VAL A 171 -9.80 1.75 16.03
C VAL A 171 -8.39 1.45 15.57
N THR A 172 -7.97 2.10 14.50
CA THR A 172 -6.61 1.98 14.00
C THR A 172 -6.03 3.37 13.76
N TRP A 173 -4.71 3.46 13.78
CA TRP A 173 -4.02 4.70 13.43
C TRP A 173 -3.86 4.68 11.91
N SER A 174 -4.62 5.53 11.22
CA SER A 174 -4.70 5.61 9.76
C SER A 174 -5.48 4.43 9.20
N ASP A 175 -5.94 4.56 7.96
CA ASP A 175 -6.68 3.51 7.25
C ASP A 175 -5.79 2.39 6.72
N TRP A 176 -4.53 2.30 7.17
CA TRP A 176 -3.61 1.35 6.57
C TRP A 176 -3.82 -0.08 7.09
N ASP A 177 -4.17 -0.21 8.37
CA ASP A 177 -4.22 -1.54 8.99
C ASP A 177 -5.30 -2.42 8.35
N LEU A 178 -6.56 -2.00 8.42
CA LEU A 178 -7.67 -2.77 7.88
C LEU A 178 -8.00 -2.45 6.43
N GLY A 179 -7.44 -1.37 5.88
CA GLY A 179 -7.78 -0.96 4.53
C GLY A 179 -6.76 -1.38 3.48
N VAL A 180 -5.50 -1.52 3.88
CA VAL A 180 -4.44 -1.85 2.94
C VAL A 180 -3.77 -3.16 3.35
N CYS A 181 -3.31 -3.22 4.59
CA CYS A 181 -2.52 -4.36 5.06
C CYS A 181 -3.31 -5.66 5.02
N LEU A 182 -4.34 -5.78 5.87
CA LEU A 182 -5.12 -7.02 5.91
C LEU A 182 -5.98 -7.21 4.67
N GLU A 183 -6.34 -6.11 4.00
CA GLU A 183 -7.21 -6.21 2.82
C GLU A 183 -6.45 -6.79 1.63
N TYR A 184 -5.34 -6.15 1.25
CA TYR A 184 -4.59 -6.60 0.07
C TYR A 184 -4.01 -7.99 0.26
N GLU A 185 -3.60 -8.34 1.49
CA GLU A 185 -3.02 -9.65 1.71
C GLU A 185 -4.08 -10.75 1.67
N CYS A 186 -5.29 -10.46 2.17
CA CYS A 186 -6.35 -11.46 2.12
C CYS A 186 -6.81 -11.72 0.69
N LYS A 187 -6.88 -10.67 -0.13
CA LYS A 187 -7.24 -10.88 -1.53
C LYS A 187 -6.13 -11.60 -2.29
N ARG A 188 -4.86 -11.33 -1.94
CA ARG A 188 -3.76 -11.97 -2.64
C ARG A 188 -3.65 -13.45 -2.25
N LYS A 189 -3.79 -13.76 -0.96
CA LYS A 189 -3.79 -15.14 -0.50
C LYS A 189 -5.15 -15.80 -0.59
N GLN A 190 -6.16 -15.10 -1.10
CA GLN A 190 -7.52 -15.61 -1.24
C GLN A 190 -8.02 -16.20 0.08
N LEU A 191 -7.89 -15.42 1.14
CA LEU A 191 -8.39 -15.76 2.45
C LEU A 191 -9.72 -15.06 2.71
N LEU A 192 -10.50 -15.64 3.62
CA LEU A 192 -11.78 -15.06 4.02
C LEU A 192 -11.54 -14.08 5.17
N LYS A 193 -11.75 -12.80 4.89
CA LYS A 193 -11.56 -11.73 5.86
C LYS A 193 -12.82 -11.55 6.69
N PRO A 194 -12.72 -11.46 8.02
CA PRO A 194 -13.92 -11.25 8.84
C PRO A 194 -14.64 -9.96 8.44
N VAL A 195 -15.96 -10.08 8.26
CA VAL A 195 -16.74 -8.96 7.75
C VAL A 195 -16.82 -7.80 8.73
N PHE A 196 -16.67 -8.05 10.03
CA PHE A 196 -16.69 -6.94 10.98
C PHE A 196 -15.42 -6.10 10.90
N LEU A 197 -14.41 -6.54 10.15
CA LEU A 197 -13.17 -5.79 9.95
C LEU A 197 -13.21 -4.88 8.71
N ASN A 198 -14.40 -4.55 8.21
CA ASN A 198 -14.55 -3.69 7.04
C ASN A 198 -14.97 -2.28 7.39
N SER A 199 -15.22 -1.99 8.66
CA SER A 199 -15.53 -0.63 9.09
C SER A 199 -14.79 -0.36 10.40
N TRP A 200 -14.14 0.81 10.48
CA TRP A 200 -13.29 1.11 11.63
C TRP A 200 -13.23 2.62 11.84
N ILE A 201 -12.59 3.01 12.93
CA ILE A 201 -12.37 4.41 13.27
C ILE A 201 -10.92 4.75 13.02
N ASP A 202 -10.69 5.68 12.09
CA ASP A 202 -9.34 6.19 11.82
C ASP A 202 -9.02 7.24 12.89
N LEU A 203 -8.25 6.82 13.90
CA LEU A 203 -7.98 7.72 15.02
C LEU A 203 -7.18 8.95 14.58
N ARG A 204 -6.34 8.82 13.56
CA ARG A 204 -5.55 9.96 13.11
C ARG A 204 -6.45 11.03 12.49
N ALA A 205 -7.40 10.62 11.65
CA ALA A 205 -8.36 11.57 11.11
C ALA A 205 -9.21 12.18 12.22
N THR A 206 -9.60 11.36 13.20
CA THR A 206 -10.32 11.89 14.36
C THR A 206 -9.45 12.88 15.13
N TYR A 207 -8.15 12.60 15.22
CA TYR A 207 -7.24 13.51 15.89
C TYR A 207 -7.08 14.82 15.12
N LYS A 208 -6.94 14.74 13.80
CA LYS A 208 -6.74 15.95 13.01
C LYS A 208 -7.93 16.88 13.07
N LEU A 209 -9.13 16.34 13.26
CA LEU A 209 -10.32 17.17 13.27
C LEU A 209 -10.70 17.64 14.66
N PHE A 210 -10.44 16.83 15.69
CA PHE A 210 -10.82 17.21 17.05
C PHE A 210 -9.88 18.28 17.61
N TYR A 211 -8.57 18.17 17.32
CA TYR A 211 -7.59 19.14 17.81
C TYR A 211 -7.17 20.15 16.74
N ARG A 212 -7.56 19.95 15.48
CA ARG A 212 -7.23 20.86 14.38
C ARG A 212 -5.72 21.03 14.23
N ARG A 213 -5.03 19.90 14.08
CA ARG A 213 -3.58 19.92 13.88
C ARG A 213 -3.13 18.59 13.30
N LYS A 214 -2.13 18.66 12.42
CA LYS A 214 -1.60 17.48 11.75
C LYS A 214 -0.50 16.86 12.60
N PRO A 215 -0.70 15.66 13.16
CA PRO A 215 0.33 15.07 14.01
C PRO A 215 1.41 14.34 13.23
N LYS A 216 2.62 14.37 13.76
CA LYS A 216 3.77 13.70 13.16
C LYS A 216 3.84 12.25 13.63
N GLY A 217 2.84 11.47 13.20
CA GLY A 217 2.75 10.08 13.58
C GLY A 217 2.08 9.90 14.94
N LEU A 218 2.01 8.63 15.36
CA LEU A 218 1.42 8.33 16.66
C LEU A 218 2.28 8.86 17.80
N SER A 219 3.60 8.81 17.64
CA SER A 219 4.48 9.39 18.65
C SER A 219 4.34 10.90 18.71
N GLY A 220 4.28 11.56 17.54
CA GLY A 220 4.08 13.00 17.52
C GLY A 220 2.72 13.41 18.08
N ALA A 221 1.69 12.60 17.82
CA ALA A 221 0.35 12.90 18.33
C ALA A 221 0.31 12.81 19.86
N LEU A 222 0.88 11.74 20.42
CA LEU A 222 0.90 11.57 21.87
C LEU A 222 1.69 12.69 22.54
N GLN A 223 2.77 13.15 21.91
CA GLN A 223 3.61 14.17 22.54
C GLN A 223 2.87 15.49 22.70
N GLU A 224 2.07 15.88 21.70
CA GLU A 224 1.38 17.16 21.75
C GLU A 224 0.37 17.23 22.88
N VAL A 225 -0.11 16.10 23.38
CA VAL A 225 -1.04 16.08 24.51
C VAL A 225 -0.33 15.72 25.81
N GLY A 226 1.00 15.67 25.82
CA GLY A 226 1.75 15.49 27.05
C GLY A 226 2.15 14.07 27.38
N ILE A 227 1.79 13.09 26.54
CA ILE A 227 2.05 11.69 26.84
C ILE A 227 3.41 11.31 26.27
N GLU A 228 4.39 11.20 27.16
CA GLU A 228 5.79 10.93 26.82
C GLU A 228 6.15 9.49 27.21
N PHE A 229 6.59 8.72 26.24
CA PHE A 229 7.04 7.35 26.46
C PHE A 229 8.53 7.22 26.17
N SER A 230 9.19 6.36 26.95
CA SER A 230 10.62 6.14 26.79
C SER A 230 10.87 4.80 26.11
N GLY A 231 12.03 4.70 25.47
CA GLY A 231 12.45 3.49 24.81
C GLY A 231 12.34 3.61 23.30
N ARG A 232 12.45 2.46 22.65
CA ARG A 232 12.32 2.39 21.20
C ARG A 232 10.87 2.67 20.78
N GLU A 233 10.72 3.01 19.49
CA GLU A 233 9.39 3.22 18.93
C GLU A 233 8.55 1.96 19.10
N ALA A 234 7.40 2.11 19.77
CA ALA A 234 6.59 0.94 20.09
C ALA A 234 5.99 0.33 18.83
N SER A 235 5.89 -0.99 18.83
CA SER A 235 5.34 -1.76 17.72
C SER A 235 4.40 -2.82 18.26
N GLY A 236 3.47 -3.23 17.41
CA GLY A 236 2.61 -4.35 17.75
C GLY A 236 1.71 -4.02 18.94
N LEU A 237 1.75 -4.91 19.94
CA LEU A 237 0.85 -4.76 21.09
C LEU A 237 1.11 -3.47 21.85
N ASP A 238 2.38 -3.07 21.98
CA ASP A 238 2.69 -1.83 22.68
C ASP A 238 2.15 -0.62 21.93
N ALA A 239 2.25 -0.63 20.60
CA ALA A 239 1.63 0.44 19.81
C ALA A 239 0.10 0.38 19.92
N SER A 240 -0.46 -0.81 20.12
CA SER A 240 -1.91 -0.91 20.32
C SER A 240 -2.32 -0.33 21.68
N ARG A 241 -1.54 -0.61 22.73
CA ARG A 241 -1.86 -0.06 24.04
C ARG A 241 -1.74 1.45 24.05
N ASN A 242 -0.73 1.99 23.38
CA ASN A 242 -0.52 3.44 23.35
C ASN A 242 -1.56 4.13 22.47
N THR A 243 -1.98 3.48 21.38
CA THR A 243 -3.05 4.05 20.58
C THR A 243 -4.36 4.08 21.36
N ALA A 244 -4.61 3.08 22.22
CA ALA A 244 -5.78 3.10 23.07
C ALA A 244 -5.69 4.19 24.12
N LEU A 245 -4.48 4.47 24.63
CA LEU A 245 -4.29 5.57 25.55
C LEU A 245 -4.62 6.91 24.90
N LEU A 246 -4.19 7.10 23.65
CA LEU A 246 -4.53 8.32 22.93
C LEU A 246 -6.04 8.46 22.78
N ALA A 247 -6.72 7.37 22.43
CA ALA A 247 -8.17 7.41 22.30
C ALA A 247 -8.84 7.79 23.62
N TRP A 248 -8.34 7.23 24.72
CA TRP A 248 -8.94 7.54 26.02
C TRP A 248 -8.70 9.00 26.39
N LYS A 249 -7.54 9.55 26.01
CA LYS A 249 -7.29 10.98 26.21
C LYS A 249 -8.28 11.82 25.42
N MET A 250 -8.52 11.45 24.15
CA MET A 250 -9.49 12.18 23.34
C MET A 250 -10.90 12.05 23.92
N ILE A 251 -11.25 10.86 24.43
CA ILE A 251 -12.56 10.68 25.04
C ILE A 251 -12.72 11.60 26.25
N ARG A 252 -11.69 11.65 27.11
CA ARG A 252 -11.75 12.52 28.28
C ARG A 252 -11.86 13.98 27.89
N ASP A 253 -11.24 14.38 26.78
CA ASP A 253 -11.31 15.76 26.32
C ASP A 253 -12.65 16.09 25.66
N GLY A 254 -13.55 15.11 25.52
CA GLY A 254 -14.86 15.36 24.95
C GLY A 254 -15.06 14.93 23.52
N CYS A 255 -14.23 14.02 23.00
CA CYS A 255 -14.35 13.58 21.61
C CYS A 255 -15.26 12.37 21.52
N VAL A 256 -16.28 12.47 20.67
CA VAL A 256 -17.19 11.35 20.41
C VAL A 256 -16.65 10.56 19.22
N MET A 257 -16.29 9.30 19.46
CA MET A 257 -15.70 8.45 18.43
C MET A 257 -16.76 7.99 17.45
N LYS A 258 -16.54 8.26 16.16
CA LYS A 258 -17.45 7.88 15.09
C LYS A 258 -16.71 7.06 14.04
N ILE A 259 -17.48 6.26 13.29
CA ILE A 259 -16.91 5.49 12.20
C ILE A 259 -16.46 6.43 11.09
N THR A 260 -15.29 6.16 10.51
CA THR A 260 -14.73 7.02 9.48
C THR A 260 -14.55 6.37 8.12
N ARG A 261 -14.35 5.05 8.05
CA ARG A 261 -14.11 4.38 6.78
C ARG A 261 -14.92 3.09 6.73
N SER A 262 -15.48 2.80 5.56
CA SER A 262 -16.25 1.57 5.35
C SER A 262 -15.90 0.98 3.99
N LEU A 263 -15.93 -0.36 3.93
CA LEU A 263 -15.65 -1.09 2.70
C LEU A 263 -16.83 -1.91 2.21
N ASN A 264 -17.65 -2.45 3.12
CA ASN A 264 -18.86 -3.15 2.74
C ASN A 264 -19.94 -2.16 2.31
N SER B 51 7.67 -15.04 -33.20
CA SER B 51 6.28 -15.15 -32.77
C SER B 51 5.54 -13.84 -32.97
N LYS B 52 4.21 -13.92 -33.08
CA LYS B 52 3.37 -12.74 -33.28
C LYS B 52 2.96 -12.18 -31.93
N GLN B 53 3.07 -10.86 -31.79
CA GLN B 53 2.74 -10.20 -30.53
C GLN B 53 1.26 -9.92 -30.44
N LEU B 54 0.76 -9.91 -29.20
CA LEU B 54 -0.65 -9.65 -28.95
C LEU B 54 -0.93 -8.16 -28.95
N PHE B 55 -0.07 -7.37 -28.30
CA PHE B 55 -0.21 -5.92 -28.22
C PHE B 55 0.74 -5.25 -29.21
N ASP B 56 0.22 -4.25 -29.92
CA ASP B 56 1.04 -3.52 -30.88
C ASP B 56 1.85 -2.41 -30.22
N TYR B 57 1.49 -2.01 -29.00
CA TYR B 57 2.22 -0.99 -28.27
C TYR B 57 2.23 -1.35 -26.79
N LEU B 58 3.26 -0.90 -26.09
CA LEU B 58 3.36 -1.05 -24.65
C LEU B 58 3.71 0.30 -24.04
N ILE B 59 3.03 0.64 -22.94
CA ILE B 59 3.31 1.84 -22.17
C ILE B 59 3.96 1.40 -20.86
N VAL B 60 5.22 1.78 -20.67
CA VAL B 60 6.02 1.33 -19.52
C VAL B 60 6.05 2.45 -18.49
N ILE B 61 5.81 2.08 -17.23
CA ILE B 61 5.72 3.04 -16.13
C ILE B 61 6.62 2.57 -15.00
N ASP B 62 7.41 3.49 -14.44
CA ASP B 62 8.24 3.21 -13.26
C ASP B 62 8.17 4.44 -12.35
N PHE B 63 7.22 4.41 -11.41
CA PHE B 63 7.00 5.52 -10.50
C PHE B 63 8.17 5.72 -9.54
N GLU B 64 8.35 6.98 -9.14
CA GLU B 64 9.22 7.35 -8.03
C GLU B 64 8.34 7.99 -6.96
N SER B 65 8.65 7.71 -5.70
CA SER B 65 7.78 8.12 -4.61
C SER B 65 8.62 8.63 -3.45
N THR B 66 7.95 9.33 -2.54
CA THR B 66 8.60 9.75 -1.30
C THR B 66 9.03 8.53 -0.50
N CYS B 67 10.16 8.64 0.16
CA CYS B 67 10.71 7.55 0.95
C CYS B 67 11.64 8.13 2.01
N TRP B 68 11.82 7.38 3.09
CA TRP B 68 12.65 7.84 4.20
C TRP B 68 13.45 6.66 4.74
N ASN B 69 14.56 7.00 5.40
CA ASN B 69 15.35 6.01 6.15
C ASN B 69 15.80 6.71 7.42
N ASP B 70 14.93 6.68 8.44
CA ASP B 70 15.21 7.43 9.65
C ASP B 70 14.61 6.82 10.91
N GLY B 71 14.14 5.58 10.87
CA GLY B 71 13.63 4.92 12.05
C GLY B 71 12.14 5.10 12.28
N LYS B 72 11.53 6.10 11.64
CA LYS B 72 10.13 6.42 11.87
C LYS B 72 9.22 5.41 11.16
N HIS B 73 7.93 5.44 11.52
CA HIS B 73 6.94 4.53 10.99
C HIS B 73 6.08 5.23 9.93
N HIS B 74 6.45 5.06 8.67
CA HIS B 74 5.70 5.57 7.53
C HIS B 74 4.91 4.44 6.89
N HIS B 75 3.63 4.69 6.63
CA HIS B 75 2.80 3.74 5.89
C HIS B 75 2.53 4.19 4.47
N SER B 76 2.03 5.42 4.30
CA SER B 76 1.71 5.93 2.98
C SER B 76 2.92 6.56 2.29
N GLN B 77 3.01 6.32 0.99
CA GLN B 77 3.96 6.97 0.09
C GLN B 77 3.19 7.76 -0.95
N GLU B 78 3.82 8.82 -1.46
CA GLU B 78 3.21 9.66 -2.47
C GLU B 78 4.09 9.68 -3.71
N ILE B 79 3.45 9.55 -4.87
CA ILE B 79 4.16 9.66 -6.13
C ILE B 79 4.78 11.04 -6.25
N ILE B 80 6.04 11.08 -6.68
CA ILE B 80 6.70 12.35 -6.98
C ILE B 80 7.15 12.45 -8.42
N GLU B 81 7.21 11.35 -9.17
CA GLU B 81 7.48 11.40 -10.60
C GLU B 81 6.59 10.37 -11.29
N PHE B 82 5.98 10.79 -12.41
CA PHE B 82 5.08 9.95 -13.20
C PHE B 82 5.66 9.85 -14.60
N PRO B 83 6.54 8.89 -14.86
CA PRO B 83 7.08 8.73 -16.22
C PRO B 83 6.41 7.60 -16.98
N ALA B 84 6.39 7.70 -18.31
CA ALA B 84 5.82 6.66 -19.14
C ALA B 84 6.42 6.77 -20.54
N VAL B 85 6.77 5.63 -21.11
CA VAL B 85 7.32 5.56 -22.46
C VAL B 85 6.45 4.64 -23.31
N LEU B 86 6.15 5.08 -24.53
CA LEU B 86 5.36 4.30 -25.46
C LEU B 86 6.30 3.49 -26.34
N LEU B 87 6.28 2.17 -26.17
CA LEU B 87 7.15 1.26 -26.91
C LEU B 87 6.39 0.67 -28.10
N ASN B 88 7.03 0.69 -29.26
CA ASN B 88 6.48 0.06 -30.46
C ASN B 88 6.98 -1.38 -30.52
N THR B 89 6.07 -2.33 -30.32
CA THR B 89 6.47 -3.74 -30.18
C THR B 89 6.78 -4.42 -31.51
N SER B 90 6.72 -3.69 -32.63
CA SER B 90 7.15 -4.24 -33.91
C SER B 90 8.40 -3.59 -34.46
N THR B 91 8.67 -2.34 -34.12
CA THR B 91 9.88 -1.65 -34.55
C THR B 91 10.91 -1.50 -33.44
N GLY B 92 10.52 -1.72 -32.18
CA GLY B 92 11.43 -1.59 -31.06
C GLY B 92 11.75 -0.17 -30.65
N GLN B 93 11.16 0.82 -31.29
CA GLN B 93 11.48 2.22 -31.00
C GLN B 93 10.49 2.81 -29.99
N ILE B 94 10.92 3.88 -29.34
CA ILE B 94 10.07 4.64 -28.43
C ILE B 94 9.39 5.73 -29.26
N ASP B 95 8.07 5.64 -29.39
CA ASP B 95 7.34 6.56 -30.23
C ASP B 95 6.82 7.79 -29.50
N SER B 96 6.77 7.77 -28.18
CA SER B 96 6.31 8.92 -27.41
C SER B 96 6.69 8.71 -25.95
N GLU B 97 6.72 9.81 -25.21
CA GLU B 97 7.10 9.79 -23.80
C GLU B 97 6.24 10.77 -23.02
N PHE B 98 6.06 10.45 -21.74
CA PHE B 98 5.34 11.32 -20.81
C PHE B 98 6.12 11.38 -19.51
N GLN B 99 6.23 12.57 -18.95
CA GLN B 99 6.89 12.73 -17.66
C GLN B 99 6.28 13.94 -16.96
N ALA B 100 5.95 13.74 -15.68
CA ALA B 100 5.43 14.82 -14.84
C ALA B 100 5.98 14.64 -13.43
N TYR B 101 6.32 15.76 -12.80
CA TYR B 101 6.73 15.75 -11.40
C TYR B 101 5.51 16.04 -10.53
N VAL B 102 5.25 15.15 -9.59
CA VAL B 102 4.09 15.26 -8.72
C VAL B 102 4.51 15.93 -7.42
N GLN B 103 3.79 16.97 -7.03
CA GLN B 103 4.04 17.70 -5.80
C GLN B 103 3.37 16.99 -4.64
N PRO B 104 4.13 16.34 -3.77
CA PRO B 104 3.52 15.61 -2.65
C PRO B 104 2.88 16.56 -1.66
N GLN B 105 1.70 16.18 -1.17
CA GLN B 105 0.92 17.00 -0.25
C GLN B 105 1.07 16.58 1.20
N GLU B 106 1.07 15.27 1.47
CA GLU B 106 1.12 14.78 2.85
C GLU B 106 2.52 14.92 3.44
N HIS B 107 3.56 14.78 2.62
CA HIS B 107 4.95 14.98 3.05
C HIS B 107 5.62 15.82 1.96
N PRO B 108 5.50 17.14 2.03
CA PRO B 108 6.00 17.98 0.93
C PRO B 108 7.51 18.09 0.86
N ILE B 109 8.21 17.87 1.96
CA ILE B 109 9.66 18.03 2.01
C ILE B 109 10.29 16.67 1.75
N LEU B 110 11.00 16.55 0.63
CA LEU B 110 11.71 15.31 0.32
C LEU B 110 12.86 15.13 1.30
N SER B 111 12.96 13.94 1.88
CA SER B 111 14.10 13.62 2.73
C SER B 111 15.37 13.55 1.88
N GLU B 112 16.51 13.67 2.55
CA GLU B 112 17.79 13.53 1.86
C GLU B 112 17.93 12.15 1.27
N PHE B 113 17.47 11.12 1.98
CA PHE B 113 17.51 9.76 1.47
C PHE B 113 16.69 9.64 0.19
N CYS B 114 15.54 10.32 0.13
CA CYS B 114 14.69 10.24 -1.04
C CYS B 114 15.32 10.96 -2.23
N MET B 115 15.82 12.18 -2.02
CA MET B 115 16.44 12.93 -3.10
C MET B 115 17.69 12.23 -3.62
N GLU B 116 18.40 11.52 -2.75
CA GLU B 116 19.57 10.77 -3.20
C GLU B 116 19.15 9.53 -3.98
N LEU B 117 18.10 8.85 -3.52
CA LEU B 117 17.69 7.59 -4.13
C LEU B 117 17.03 7.82 -5.49
N THR B 118 16.14 8.79 -5.59
CA THR B 118 15.41 9.06 -6.83
C THR B 118 16.13 10.04 -7.75
N GLY B 119 17.11 10.78 -7.24
CA GLY B 119 17.73 11.84 -8.01
C GLY B 119 16.85 13.05 -8.24
N ILE B 120 15.69 13.12 -7.60
CA ILE B 120 14.79 14.25 -7.73
C ILE B 120 15.14 15.29 -6.69
N LYS B 121 15.24 16.55 -7.11
CA LYS B 121 15.57 17.64 -6.22
C LYS B 121 14.29 18.32 -5.73
N GLN B 122 14.39 18.99 -4.58
CA GLN B 122 13.21 19.58 -3.96
C GLN B 122 12.55 20.62 -4.87
N ALA B 123 13.37 21.38 -5.61
CA ALA B 123 12.83 22.40 -6.49
C ALA B 123 11.98 21.83 -7.61
N GLN B 124 12.13 20.54 -7.93
CA GLN B 124 11.34 19.94 -9.00
C GLN B 124 9.94 19.55 -8.53
N VAL B 125 9.83 18.98 -7.34
CA VAL B 125 8.51 18.67 -6.82
C VAL B 125 7.80 19.94 -6.38
N ASP B 126 8.56 20.98 -6.02
CA ASP B 126 7.96 22.28 -5.76
C ASP B 126 7.45 22.90 -7.06
N GLU B 127 8.07 22.56 -8.18
CA GLU B 127 7.64 23.03 -9.49
C GLU B 127 6.57 22.14 -10.11
N GLY B 128 6.20 21.04 -9.46
CA GLY B 128 5.28 20.08 -10.04
C GLY B 128 3.83 20.33 -9.64
N VAL B 129 2.97 19.48 -10.16
CA VAL B 129 1.52 19.61 -9.97
C VAL B 129 1.07 18.56 -8.96
N PRO B 130 -0.06 18.75 -8.28
CA PRO B 130 -0.60 17.68 -7.44
C PRO B 130 -1.00 16.48 -8.28
N LEU B 131 -1.25 15.36 -7.59
CA LEU B 131 -1.50 14.10 -8.29
C LEU B 131 -2.75 14.19 -9.15
N LYS B 132 -3.80 14.84 -8.65
CA LYS B 132 -5.05 14.93 -9.40
C LYS B 132 -4.85 15.59 -10.76
N ILE B 133 -4.11 16.71 -10.79
CA ILE B 133 -3.80 17.35 -12.05
C ILE B 133 -2.90 16.47 -12.91
N CYS B 134 -2.13 15.58 -12.28
CA CYS B 134 -1.20 14.74 -13.04
C CYS B 134 -1.93 13.65 -13.81
N LEU B 135 -2.93 13.00 -13.20
CA LEU B 135 -3.75 12.05 -13.94
C LEU B 135 -4.46 12.72 -15.10
N SER B 136 -4.88 13.97 -14.92
CA SER B 136 -5.52 14.69 -16.01
C SER B 136 -4.58 14.87 -17.19
N GLN B 137 -3.34 15.30 -16.93
CA GLN B 137 -2.36 15.46 -18.00
C GLN B 137 -1.99 14.11 -18.61
N PHE B 138 -1.98 13.05 -17.80
CA PHE B 138 -1.67 11.72 -18.32
C PHE B 138 -2.79 11.22 -19.22
N CYS B 139 -4.05 11.54 -18.89
CA CYS B 139 -5.15 11.13 -19.76
C CYS B 139 -5.15 11.90 -21.07
N LYS B 140 -4.82 13.20 -21.02
CA LYS B 140 -4.70 13.97 -22.26
C LYS B 140 -3.58 13.41 -23.14
N TRP B 141 -2.50 12.92 -22.52
CA TRP B 141 -1.45 12.29 -23.30
C TRP B 141 -1.94 10.96 -23.88
N ILE B 142 -2.64 10.17 -23.07
CA ILE B 142 -3.25 8.93 -23.57
C ILE B 142 -4.21 9.23 -24.71
N HIS B 143 -5.00 10.29 -24.57
CA HIS B 143 -5.92 10.68 -25.64
C HIS B 143 -5.17 11.17 -26.88
N LYS B 144 -3.99 11.78 -26.69
CA LYS B 144 -3.23 12.27 -27.84
C LYS B 144 -2.65 11.12 -28.66
N ILE B 145 -2.12 10.09 -28.00
CA ILE B 145 -1.58 8.94 -28.73
C ILE B 145 -2.68 8.07 -29.34
N GLN B 146 -3.93 8.27 -28.93
CA GLN B 146 -5.05 7.59 -29.58
C GLN B 146 -5.46 8.31 -30.87
N GLN B 147 -5.45 9.64 -30.87
CA GLN B 147 -5.66 10.36 -32.12
C GLN B 147 -4.57 10.06 -33.13
N GLN B 148 -3.35 9.79 -32.65
CA GLN B 148 -2.19 9.58 -33.51
C GLN B 148 -2.02 8.13 -33.92
N LYS B 149 -2.05 7.20 -32.95
CA LYS B 149 -1.71 5.81 -33.21
C LYS B 149 -2.92 4.90 -33.32
N ASN B 150 -4.13 5.41 -33.08
CA ASN B 150 -5.36 4.63 -33.16
C ASN B 150 -5.32 3.45 -32.18
N ILE B 151 -5.00 3.76 -30.92
CA ILE B 151 -4.75 2.77 -29.88
C ILE B 151 -6.00 2.60 -29.03
N ILE B 152 -6.32 1.36 -28.68
CA ILE B 152 -7.40 1.06 -27.75
C ILE B 152 -6.90 0.12 -26.66
N PHE B 153 -7.60 0.15 -25.52
CA PHE B 153 -7.35 -0.71 -24.38
C PHE B 153 -8.52 -1.67 -24.21
N ALA B 154 -8.28 -2.96 -24.41
CA ALA B 154 -9.34 -3.97 -24.34
C ALA B 154 -9.09 -4.87 -23.13
N THR B 155 -10.18 -5.29 -22.49
CA THR B 155 -10.12 -5.98 -21.19
C THR B 155 -9.71 -7.44 -21.27
N GLY B 156 -9.92 -8.11 -22.41
CA GLY B 156 -9.51 -9.50 -22.52
C GLY B 156 -9.27 -9.89 -23.96
N ILE B 157 -8.04 -9.69 -24.43
CA ILE B 157 -7.66 -9.97 -25.80
C ILE B 157 -7.22 -11.42 -25.94
N SER B 158 -7.79 -12.11 -26.93
CA SER B 158 -7.37 -13.46 -27.27
C SER B 158 -6.61 -13.53 -28.59
N GLU B 159 -6.77 -12.54 -29.48
CA GLU B 159 -6.09 -12.54 -30.76
C GLU B 159 -5.53 -11.17 -31.07
N PRO B 160 -4.34 -11.09 -31.67
CA PRO B 160 -3.82 -9.80 -32.13
C PRO B 160 -4.71 -9.17 -33.19
N SER B 161 -4.59 -7.85 -33.32
CA SER B 161 -5.34 -7.12 -34.33
C SER B 161 -4.75 -7.38 -35.71
N ALA B 162 -5.61 -7.61 -36.69
CA ALA B 162 -5.22 -7.66 -38.08
C ALA B 162 -5.70 -6.44 -38.88
N SER B 163 -6.20 -5.41 -38.21
CA SER B 163 -6.84 -4.31 -38.91
C SER B 163 -6.13 -2.99 -38.65
N GLU B 164 -6.87 -1.88 -38.75
CA GLU B 164 -6.25 -0.58 -38.50
C GLU B 164 -6.14 -0.25 -37.01
N VAL B 165 -6.79 -1.01 -36.14
CA VAL B 165 -6.73 -0.74 -34.72
C VAL B 165 -5.46 -1.35 -34.13
N LYS B 166 -4.98 -0.77 -33.05
CA LYS B 166 -3.75 -1.21 -32.39
C LYS B 166 -4.04 -1.44 -30.91
N LEU B 167 -3.72 -2.63 -30.41
CA LEU B 167 -3.93 -2.92 -29.00
C LEU B 167 -2.73 -2.45 -28.18
N CYS B 168 -3.00 -2.13 -26.92
CA CYS B 168 -1.97 -1.59 -26.04
C CYS B 168 -2.17 -2.13 -24.63
N ALA B 169 -1.07 -2.20 -23.89
CA ALA B 169 -1.10 -2.63 -22.49
C ALA B 169 -0.01 -1.90 -21.72
N PHE B 170 -0.22 -1.80 -20.41
CA PHE B 170 0.75 -1.18 -19.53
C PHE B 170 1.70 -2.23 -18.97
N VAL B 171 2.98 -1.89 -18.92
CA VAL B 171 4.04 -2.80 -18.48
C VAL B 171 4.76 -2.16 -17.29
N THR B 172 4.85 -2.91 -16.20
CA THR B 172 5.57 -2.49 -15.01
C THR B 172 6.53 -3.60 -14.61
N TRP B 173 7.55 -3.22 -13.82
CA TRP B 173 8.50 -4.20 -13.31
C TRP B 173 7.97 -4.98 -12.11
N SER B 174 6.82 -4.60 -11.58
CA SER B 174 6.25 -5.25 -10.41
C SER B 174 4.81 -4.79 -10.28
N ASP B 175 4.04 -5.52 -9.48
CA ASP B 175 2.66 -5.15 -9.21
C ASP B 175 2.57 -3.98 -8.23
N TRP B 176 3.69 -3.30 -7.96
CA TRP B 176 3.72 -2.26 -6.94
C TRP B 176 3.21 -0.93 -7.47
N ASP B 177 3.57 -0.59 -8.72
CA ASP B 177 3.25 0.73 -9.24
C ASP B 177 1.74 0.94 -9.36
N LEU B 178 1.08 0.10 -10.16
CA LEU B 178 -0.35 0.22 -10.38
C LEU B 178 -1.18 -0.59 -9.40
N GLY B 179 -0.57 -1.48 -8.63
CA GLY B 179 -1.34 -2.35 -7.75
C GLY B 179 -1.39 -1.91 -6.30
N VAL B 180 -0.33 -1.23 -5.84
CA VAL B 180 -0.22 -0.80 -4.45
C VAL B 180 -0.07 0.72 -4.35
N CYS B 181 0.92 1.28 -5.06
CA CYS B 181 1.25 2.70 -4.96
C CYS B 181 0.09 3.58 -5.42
N LEU B 182 -0.23 3.54 -6.71
CA LEU B 182 -1.28 4.40 -7.24
C LEU B 182 -2.67 4.00 -6.74
N GLU B 183 -2.86 2.73 -6.37
CA GLU B 183 -4.17 2.29 -5.90
C GLU B 183 -4.46 2.85 -4.51
N TYR B 184 -3.56 2.60 -3.56
CA TYR B 184 -3.77 3.09 -2.20
C TYR B 184 -3.79 4.61 -2.15
N GLU B 185 -2.96 5.26 -2.98
CA GLU B 185 -2.93 6.73 -2.95
C GLU B 185 -4.19 7.32 -3.57
N CYS B 186 -4.71 6.69 -4.61
CA CYS B 186 -5.97 7.18 -5.18
C CYS B 186 -7.13 6.92 -4.22
N LYS B 187 -7.12 5.78 -3.53
CA LYS B 187 -8.14 5.53 -2.52
C LYS B 187 -7.95 6.45 -1.31
N ARG B 188 -6.69 6.74 -0.96
CA ARG B 188 -6.43 7.58 0.20
C ARG B 188 -6.78 9.04 -0.08
N LYS B 189 -6.40 9.55 -1.25
CA LYS B 189 -6.75 10.91 -1.65
C LYS B 189 -8.11 11.01 -2.31
N GLN B 190 -8.82 9.88 -2.46
CA GLN B 190 -10.14 9.83 -3.07
C GLN B 190 -10.18 10.56 -4.41
N LEU B 191 -9.23 10.21 -5.27
CA LEU B 191 -9.16 10.74 -6.63
C LEU B 191 -9.78 9.73 -7.60
N LEU B 192 -10.19 10.24 -8.76
CA LEU B 192 -10.75 9.39 -9.81
C LEU B 192 -9.59 8.83 -10.63
N LYS B 193 -9.36 7.53 -10.52
CA LYS B 193 -8.29 6.81 -11.19
C LYS B 193 -8.74 6.36 -12.57
N PRO B 194 -7.93 6.58 -13.61
CA PRO B 194 -8.31 6.11 -14.95
C PRO B 194 -8.51 4.59 -14.97
N VAL B 195 -9.63 4.16 -15.55
CA VAL B 195 -10.02 2.76 -15.48
C VAL B 195 -9.10 1.85 -16.29
N PHE B 196 -8.42 2.37 -17.30
CA PHE B 196 -7.51 1.52 -18.07
C PHE B 196 -6.24 1.15 -17.31
N LEU B 197 -6.02 1.72 -16.12
CA LEU B 197 -4.88 1.37 -15.28
C LEU B 197 -5.18 0.24 -14.31
N ASN B 198 -6.18 -0.58 -14.61
CA ASN B 198 -6.55 -1.69 -13.74
C ASN B 198 -6.04 -3.04 -14.24
N SER B 199 -5.39 -3.09 -15.40
CA SER B 199 -4.78 -4.30 -15.92
C SER B 199 -3.43 -3.93 -16.52
N TRP B 200 -2.42 -4.75 -16.23
CA TRP B 200 -1.07 -4.45 -16.69
C TRP B 200 -0.29 -5.75 -16.85
N ILE B 201 0.91 -5.61 -17.40
CA ILE B 201 1.85 -6.72 -17.58
C ILE B 201 2.95 -6.57 -16.55
N ASP B 202 3.07 -7.55 -15.66
CA ASP B 202 4.16 -7.60 -14.69
C ASP B 202 5.39 -8.17 -15.39
N LEU B 203 6.29 -7.28 -15.82
CA LEU B 203 7.44 -7.72 -16.60
C LEU B 203 8.37 -8.63 -15.82
N ARG B 204 8.44 -8.47 -14.50
CA ARG B 204 9.31 -9.34 -13.70
C ARG B 204 8.80 -10.77 -13.70
N ALA B 205 7.49 -10.96 -13.51
CA ALA B 205 6.91 -12.29 -13.58
C ALA B 205 7.07 -12.88 -14.98
N THR B 206 6.89 -12.07 -16.01
CA THR B 206 7.10 -12.53 -17.39
C THR B 206 8.54 -12.95 -17.61
N TYR B 207 9.49 -12.22 -17.01
CA TYR B 207 10.90 -12.57 -17.13
C TYR B 207 11.21 -13.89 -16.43
N LYS B 208 10.64 -14.09 -15.23
CA LYS B 208 10.91 -15.29 -14.46
C LYS B 208 10.43 -16.55 -15.17
N LEU B 209 9.36 -16.45 -15.95
CA LEU B 209 8.80 -17.62 -16.63
C LEU B 209 9.36 -17.83 -18.03
N PHE B 210 9.71 -16.75 -18.73
CA PHE B 210 10.23 -16.89 -20.09
C PHE B 210 11.66 -17.41 -20.07
N TYR B 211 12.47 -16.95 -19.12
CA TYR B 211 13.86 -17.38 -19.01
C TYR B 211 14.09 -18.42 -17.91
N ARG B 212 13.10 -18.65 -17.06
CA ARG B 212 13.19 -19.63 -15.97
C ARG B 212 14.40 -19.34 -15.07
N ARG B 213 14.44 -18.12 -14.56
CA ARG B 213 15.50 -17.69 -13.65
C ARG B 213 15.05 -16.44 -12.91
N LYS B 214 15.45 -16.32 -11.65
CA LYS B 214 15.13 -15.16 -10.84
C LYS B 214 16.21 -14.10 -11.01
N PRO B 215 15.91 -12.94 -11.58
CA PRO B 215 16.94 -11.93 -11.81
C PRO B 215 17.20 -11.08 -10.58
N LYS B 216 18.43 -10.57 -10.49
CA LYS B 216 18.85 -9.74 -9.36
C LYS B 216 18.41 -8.30 -9.62
N GLY B 217 17.08 -8.12 -9.63
CA GLY B 217 16.51 -6.82 -9.88
C GLY B 217 16.41 -6.51 -11.37
N LEU B 218 15.97 -5.29 -11.67
CA LEU B 218 15.89 -4.86 -13.06
C LEU B 218 17.27 -4.75 -13.68
N SER B 219 18.26 -4.31 -12.88
CA SER B 219 19.64 -4.28 -13.36
C SER B 219 20.19 -5.69 -13.58
N GLY B 220 19.89 -6.61 -12.65
CA GLY B 220 20.31 -7.99 -12.83
C GLY B 220 19.68 -8.63 -14.04
N ALA B 221 18.41 -8.28 -14.32
CA ALA B 221 17.74 -8.82 -15.50
C ALA B 221 18.42 -8.34 -16.78
N LEU B 222 18.73 -7.04 -16.85
CA LEU B 222 19.37 -6.51 -18.04
C LEU B 222 20.73 -7.15 -18.29
N GLN B 223 21.49 -7.39 -17.23
CA GLN B 223 22.82 -7.97 -17.40
C GLN B 223 22.76 -9.41 -17.90
N GLU B 224 21.80 -10.19 -17.39
CA GLU B 224 21.72 -11.61 -17.75
C GLU B 224 21.39 -11.83 -19.22
N VAL B 225 20.80 -10.86 -19.90
CA VAL B 225 20.50 -10.97 -21.33
C VAL B 225 21.52 -10.24 -22.18
N GLY B 226 22.65 -9.84 -21.61
CA GLY B 226 23.75 -9.25 -22.34
C GLY B 226 23.77 -7.74 -22.37
N ILE B 227 22.77 -7.09 -21.78
CA ILE B 227 22.69 -5.62 -21.75
C ILE B 227 23.39 -5.19 -20.46
N GLU B 228 24.62 -4.72 -20.58
CA GLU B 228 25.43 -4.39 -19.41
C GLU B 228 25.49 -2.87 -19.30
N PHE B 229 24.89 -2.34 -18.22
CA PHE B 229 24.96 -0.93 -17.91
C PHE B 229 25.57 -0.77 -16.52
N SER B 230 26.47 0.20 -16.40
CA SER B 230 27.17 0.49 -15.15
C SER B 230 26.75 1.84 -14.59
N GLY B 231 27.03 2.04 -13.31
CA GLY B 231 26.75 3.30 -12.67
C GLY B 231 25.61 3.24 -11.68
N ARG B 232 25.12 4.43 -11.32
CA ARG B 232 24.02 4.53 -10.37
C ARG B 232 22.75 3.91 -10.94
N GLU B 233 21.88 3.45 -10.03
CA GLU B 233 20.59 2.92 -10.43
C GLU B 233 19.74 4.02 -11.06
N ALA B 234 19.28 3.77 -12.29
CA ALA B 234 18.49 4.76 -13.01
C ALA B 234 17.13 4.92 -12.35
N SER B 235 16.57 6.13 -12.45
CA SER B 235 15.31 6.45 -11.81
C SER B 235 14.38 7.17 -12.78
N GLY B 236 13.08 7.04 -12.52
CA GLY B 236 12.08 7.80 -13.25
C GLY B 236 12.04 7.43 -14.72
N LEU B 237 12.12 8.46 -15.57
CA LEU B 237 12.01 8.26 -17.01
C LEU B 237 13.13 7.38 -17.54
N ASP B 238 14.35 7.54 -16.99
CA ASP B 238 15.47 6.71 -17.41
C ASP B 238 15.24 5.27 -17.04
N ALA B 239 14.67 5.01 -15.86
CA ALA B 239 14.30 3.65 -15.48
C ALA B 239 13.18 3.11 -16.36
N SER B 240 12.28 3.98 -16.84
CA SER B 240 11.23 3.54 -17.75
C SER B 240 11.81 3.14 -19.10
N ARG B 241 12.79 3.90 -19.59
CA ARG B 241 13.43 3.56 -20.85
C ARG B 241 14.18 2.23 -20.75
N ASN B 242 14.80 1.97 -19.60
CA ASN B 242 15.54 0.73 -19.44
C ASN B 242 14.60 -0.47 -19.34
N THR B 243 13.45 -0.29 -18.69
CA THR B 243 12.45 -1.36 -18.65
C THR B 243 11.88 -1.62 -20.04
N ALA B 244 11.73 -0.57 -20.85
CA ALA B 244 11.30 -0.76 -22.23
C ALA B 244 12.37 -1.42 -23.07
N LEU B 245 13.65 -1.11 -22.78
CA LEU B 245 14.74 -1.82 -23.45
C LEU B 245 14.72 -3.29 -23.12
N LEU B 246 14.47 -3.62 -21.84
CA LEU B 246 14.34 -5.03 -21.46
C LEU B 246 13.13 -5.68 -22.13
N ALA B 247 12.00 -4.99 -22.16
CA ALA B 247 10.80 -5.55 -22.78
C ALA B 247 11.03 -5.83 -24.26
N TRP B 248 11.69 -4.89 -24.96
CA TRP B 248 11.95 -5.08 -26.39
C TRP B 248 12.91 -6.24 -26.63
N LYS B 249 13.91 -6.40 -25.77
CA LYS B 249 14.84 -7.52 -25.93
C LYS B 249 14.11 -8.85 -25.76
N MET B 250 13.24 -8.94 -24.75
CA MET B 250 12.46 -10.17 -24.56
C MET B 250 11.57 -10.46 -25.76
N ILE B 251 10.99 -9.41 -26.35
CA ILE B 251 10.16 -9.59 -27.55
C ILE B 251 10.98 -10.20 -28.68
N ARG B 252 12.19 -9.67 -28.89
CA ARG B 252 13.05 -10.22 -29.94
C ARG B 252 13.44 -11.67 -29.66
N ASP B 253 13.58 -12.03 -28.38
CA ASP B 253 13.93 -13.39 -28.00
C ASP B 253 12.78 -14.37 -28.16
N GLY B 254 11.58 -13.90 -28.53
CA GLY B 254 10.45 -14.78 -28.74
C GLY B 254 9.42 -14.79 -27.64
N CYS B 255 9.39 -13.77 -26.79
CA CYS B 255 8.45 -13.70 -25.69
C CYS B 255 7.17 -12.97 -26.14
N VAL B 256 6.03 -13.62 -25.95
CA VAL B 256 4.74 -13.00 -26.23
C VAL B 256 4.25 -12.34 -24.95
N MET B 257 4.13 -11.01 -24.98
CA MET B 257 3.72 -10.26 -23.80
C MET B 257 2.22 -10.43 -23.57
N LYS B 258 1.85 -10.92 -22.39
CA LYS B 258 0.46 -11.12 -22.02
C LYS B 258 0.16 -10.42 -20.71
N ILE B 259 -1.11 -10.10 -20.51
CA ILE B 259 -1.56 -9.49 -19.27
C ILE B 259 -1.41 -10.48 -18.12
N THR B 260 -0.95 -9.99 -16.97
CA THR B 260 -0.73 -10.84 -15.81
C THR B 260 -1.62 -10.50 -14.63
N ARG B 261 -2.10 -9.27 -14.50
CA ARG B 261 -2.90 -8.87 -13.36
C ARG B 261 -4.13 -8.09 -13.80
N SER B 262 -5.25 -8.36 -13.14
CA SER B 262 -6.51 -7.68 -13.37
C SER B 262 -7.16 -7.39 -12.03
N LEU B 263 -7.84 -6.25 -11.95
CA LEU B 263 -8.50 -5.85 -10.70
C LEU B 263 -10.01 -5.73 -10.85
P AMP C . 3.71 0.62 12.82
O1P AMP C . 2.48 -0.08 13.33
O2P AMP C . 4.79 0.79 13.86
O3P AMP C . 3.43 1.84 11.98
O5' AMP C . 4.35 -0.43 11.79
C5' AMP C . 3.52 -1.17 10.91
C4' AMP C . 4.29 -1.71 9.73
O4' AMP C . 4.54 -0.65 8.79
C3' AMP C . 5.67 -2.27 10.03
O3' AMP C . 5.63 -3.58 10.57
C2' AMP C . 6.37 -2.18 8.67
O2' AMP C . 6.04 -3.29 7.86
C1' AMP C . 5.73 -0.93 8.07
N9 AMP C . 6.62 0.25 8.15
C8 AMP C . 6.66 1.14 9.15
N7 AMP C . 7.60 2.09 8.92
C5 AMP C . 8.18 1.82 7.74
C6 AMP C . 9.25 2.42 6.90
N6 AMP C . 9.90 3.55 7.29
N1 AMP C . 9.55 1.80 5.74
C2 AMP C . 8.92 0.69 5.33
N3 AMP C . 7.94 0.09 6.05
C4 AMP C . 7.53 0.60 7.24
S SO4 D . 4.67 5.04 20.67
O1 SO4 D . 3.90 6.27 20.55
O2 SO4 D . 4.10 4.04 19.78
O3 SO4 D . 6.06 5.31 20.29
O4 SO4 D . 4.62 4.56 22.05
MN MN E . 0.41 1.71 12.74
S SO4 F . 13.24 -6.59 -7.58
O1 SO4 F . 11.91 -6.89 -7.06
O2 SO4 F . 13.56 -7.52 -8.66
O3 SO4 F . 13.27 -5.22 -8.08
O4 SO4 F . 14.21 -6.74 -6.51
S SO4 G . 1.90 7.76 7.57
O1 SO4 G . 1.20 6.75 6.78
O2 SO4 G . 1.03 8.94 7.71
O3 SO4 G . 3.13 8.15 6.90
O4 SO4 G . 2.20 7.22 8.89
S SO4 H . 7.79 -11.15 -4.67
O1 SO4 H . 7.58 -11.94 -3.46
O2 SO4 H . 6.51 -10.67 -5.18
O3 SO4 H . 8.44 -11.98 -5.69
O4 SO4 H . 8.66 -10.01 -4.35
C1 EDO I . 20.31 10.11 4.68
O1 EDO I . 19.37 9.09 5.07
C2 EDO I . 20.84 10.83 5.91
O2 EDO I . 21.67 11.93 5.49
#